data_1D0W
#
_entry.id   1D0W
#
_cell.length_a   1.000
_cell.length_b   1.000
_cell.length_c   1.000
_cell.angle_alpha   90.00
_cell.angle_beta   90.00
_cell.angle_gamma   90.00
#
_symmetry.space_group_name_H-M   'P 1'
#
_entity_poly.entity_id   1
_entity_poly.type   'polypeptide(L)'
_entity_poly.pdbx_seq_one_letter_code
;(AYA)RHYKNLLERQRY(NH2)
;
_entity_poly.pdbx_strand_id   A
#
# COMPACT_ATOMS: atom_id res chain seq x y z
N ARG A 2 8.58 -3.85 3.57
CA ARG A 2 7.45 -4.63 4.18
C ARG A 2 6.16 -3.83 4.37
N HIS A 3 6.26 -2.77 5.11
CA HIS A 3 5.06 -1.91 5.37
C HIS A 3 5.19 -0.59 4.60
N TYR A 4 5.54 -0.74 3.34
CA TYR A 4 5.69 0.45 2.45
C TYR A 4 5.04 0.21 1.09
N LYS A 5 5.59 -0.73 0.36
CA LYS A 5 5.04 -1.04 -1.00
C LYS A 5 3.51 -1.15 -0.99
N ASN A 6 2.98 -2.00 -0.15
CA ASN A 6 1.48 -2.14 -0.12
C ASN A 6 0.74 -1.05 0.66
N LEU A 7 1.36 0.08 0.86
CA LEU A 7 0.70 1.21 1.62
C LEU A 7 0.22 2.15 0.51
N LEU A 8 1.13 2.61 -0.31
CA LEU A 8 0.70 3.54 -1.40
C LEU A 8 -0.32 2.78 -2.28
N GLU A 9 -0.33 1.49 -2.08
CA GLU A 9 -1.27 0.59 -2.82
C GLU A 9 -2.44 0.24 -1.87
N ARG A 10 -2.78 1.09 -0.92
CA ARG A 10 -3.93 0.75 0.01
C ARG A 10 -5.23 1.47 -0.39
N GLN A 11 -5.13 2.73 -0.71
CA GLN A 11 -6.33 3.54 -1.11
C GLN A 11 -7.27 2.78 -2.07
N ARG A 12 -6.69 2.09 -3.03
CA ARG A 12 -7.49 1.31 -4.01
C ARG A 12 -7.23 -0.19 -3.85
N TYR A 13 -7.32 -0.67 -2.64
CA TYR A 13 -7.09 -2.13 -2.39
C TYR A 13 -8.44 -2.84 -2.58
N ARG A 2 8.57 -3.67 4.09
CA ARG A 2 7.54 -4.76 4.08
C ARG A 2 6.15 -4.17 3.81
N HIS A 3 5.80 -3.12 4.49
CA HIS A 3 4.44 -2.50 4.30
C HIS A 3 4.61 -1.05 3.77
N TYR A 4 5.17 -0.95 2.59
CA TYR A 4 5.39 0.39 1.96
C TYR A 4 4.57 0.38 0.67
N LYS A 5 4.91 -0.52 -0.20
CA LYS A 5 4.21 -0.67 -1.50
C LYS A 5 2.71 -0.84 -1.19
N ASN A 6 2.48 -1.75 -0.26
CA ASN A 6 1.08 -2.04 0.17
C ASN A 6 0.40 -0.91 0.90
N LEU A 7 1.13 0.15 1.07
CA LEU A 7 0.63 1.36 1.77
C LEU A 7 0.33 2.33 0.60
N LEU A 8 1.36 2.69 -0.13
CA LEU A 8 1.19 3.63 -1.28
C LEU A 8 0.07 3.11 -2.19
N GLU A 9 0.06 1.82 -2.35
CA GLU A 9 -0.97 1.14 -3.18
C GLU A 9 -2.04 0.52 -2.27
N ARG A 10 -2.34 1.20 -1.19
CA ARG A 10 -3.39 0.67 -0.24
C ARG A 10 -4.69 1.43 -0.51
N GLN A 11 -4.53 2.56 -1.15
CA GLN A 11 -5.68 3.46 -1.53
C GLN A 11 -6.92 2.63 -1.92
N ARG A 12 -6.65 1.53 -2.58
CA ARG A 12 -7.73 0.62 -3.03
C ARG A 12 -7.85 -0.61 -2.11
N TYR A 13 -7.96 -0.32 -0.84
CA TYR A 13 -8.11 -1.39 0.21
C TYR A 13 -9.56 -1.35 0.67
N ARG A 2 7.10 -4.17 2.60
CA ARG A 2 5.95 -4.77 3.34
C ARG A 2 4.94 -3.70 3.75
N HIS A 3 5.41 -2.68 4.44
CA HIS A 3 4.53 -1.56 4.91
C HIS A 3 4.89 -0.21 4.24
N TYR A 4 5.28 -0.31 2.99
CA TYR A 4 5.67 0.91 2.19
C TYR A 4 4.97 0.82 0.84
N LYS A 5 5.29 -0.24 0.15
CA LYS A 5 4.72 -0.52 -1.20
C LYS A 5 3.23 -0.84 -0.95
N ASN A 6 3.03 -1.73 -0.01
CA ASN A 6 1.63 -2.14 0.30
C ASN A 6 0.91 -1.08 1.15
N LEU A 7 1.56 0.04 1.27
CA LEU A 7 1.00 1.18 2.05
C LEU A 7 0.51 1.98 0.85
N LEU A 8 1.41 2.37 -0.02
CA LEU A 8 1.03 3.15 -1.24
C LEU A 8 -0.18 2.47 -1.92
N GLU A 9 -0.12 1.16 -2.01
CA GLU A 9 -1.24 0.43 -2.65
C GLU A 9 -2.37 0.05 -1.68
N ARG A 10 -2.54 0.83 -0.65
CA ARG A 10 -3.63 0.54 0.34
C ARG A 10 -4.85 1.35 -0.08
N GLN A 11 -4.61 2.48 -0.69
CA GLN A 11 -5.77 3.32 -1.14
C GLN A 11 -6.20 2.86 -2.55
N ARG A 12 -6.04 1.58 -2.75
CA ARG A 12 -6.38 0.89 -4.02
C ARG A 12 -7.32 -0.28 -3.68
N TYR A 13 -7.43 -0.56 -2.41
CA TYR A 13 -8.32 -1.66 -1.92
C TYR A 13 -9.40 -1.00 -1.06
N ARG A 2 9.25 -3.04 3.06
CA ARG A 2 8.64 -4.39 3.21
C ARG A 2 7.16 -4.25 3.57
N HIS A 3 6.88 -3.44 4.56
CA HIS A 3 5.46 -3.23 5.00
C HIS A 3 5.11 -1.80 4.57
N TYR A 4 5.57 -1.51 3.38
CA TYR A 4 5.32 -0.18 2.75
C TYR A 4 4.58 -0.32 1.44
N LYS A 5 5.00 -1.23 0.62
CA LYS A 5 4.32 -1.48 -0.70
C LYS A 5 2.79 -1.31 -0.61
N ASN A 6 2.27 -1.95 0.39
CA ASN A 6 0.80 -1.89 0.61
C ASN A 6 0.29 -0.66 1.32
N LEU A 7 1.06 0.41 1.28
CA LEU A 7 0.62 1.67 1.91
C LEU A 7 0.21 2.42 0.66
N LEU A 8 1.19 2.73 -0.15
CA LEU A 8 0.92 3.47 -1.42
C LEU A 8 -0.07 2.71 -2.28
N GLU A 9 -0.07 1.40 -2.11
CA GLU A 9 -1.00 0.56 -2.92
C GLU A 9 -2.21 0.17 -2.05
N ARG A 10 -2.53 1.03 -1.12
CA ARG A 10 -3.70 0.75 -0.23
C ARG A 10 -4.91 1.53 -0.71
N GLN A 11 -4.64 2.73 -1.17
CA GLN A 11 -5.67 3.68 -1.70
C GLN A 11 -6.91 3.08 -2.37
N ARG A 12 -6.69 2.17 -3.30
CA ARG A 12 -7.82 1.52 -4.03
C ARG A 12 -7.94 0.03 -3.70
N TYR A 13 -7.60 -0.28 -2.47
CA TYR A 13 -7.65 -1.69 -1.99
C TYR A 13 -8.64 -1.72 -0.82
N ARG A 2 9.36 -3.72 4.38
CA ARG A 2 8.26 -4.69 4.68
C ARG A 2 6.83 -4.25 4.33
N HIS A 3 6.46 -3.08 4.76
CA HIS A 3 5.08 -2.57 4.47
C HIS A 3 5.14 -1.19 3.77
N TYR A 4 5.84 -1.15 2.66
CA TYR A 4 5.94 0.14 1.91
C TYR A 4 4.97 0.13 0.73
N LYS A 5 5.23 -0.72 -0.23
CA LYS A 5 4.33 -0.82 -1.43
C LYS A 5 2.87 -0.87 -0.94
N ASN A 6 2.71 -1.83 -0.07
CA ASN A 6 1.40 -2.16 0.60
C ASN A 6 0.63 -0.99 1.18
N LEU A 7 1.28 0.12 1.22
CA LEU A 7 0.66 1.36 1.76
C LEU A 7 0.27 2.17 0.53
N LEU A 8 1.23 2.55 -0.28
CA LEU A 8 0.90 3.35 -1.51
C LEU A 8 -0.26 2.71 -2.29
N GLU A 9 -0.32 1.42 -2.22
CA GLU A 9 -1.40 0.68 -2.95
C GLU A 9 -2.55 0.26 -2.03
N ARG A 10 -2.85 1.06 -1.04
CA ARG A 10 -3.97 0.68 -0.14
C ARG A 10 -5.23 1.48 -0.57
N GLN A 11 -5.13 2.79 -0.72
CA GLN A 11 -6.30 3.65 -1.14
C GLN A 11 -7.41 2.93 -1.93
N ARG A 12 -7.00 2.27 -2.99
CA ARG A 12 -7.94 1.51 -3.87
C ARG A 12 -7.60 0.01 -3.95
N TYR A 13 -7.31 -0.60 -2.83
CA TYR A 13 -6.97 -2.06 -2.85
C TYR A 13 -8.32 -2.78 -2.95
N ARG A 2 8.58 -3.23 4.45
CA ARG A 2 7.58 -4.34 4.58
C ARG A 2 6.24 -3.83 4.04
N HIS A 3 5.69 -2.82 4.67
CA HIS A 3 4.39 -2.26 4.21
C HIS A 3 4.66 -0.89 3.60
N TYR A 4 5.32 -0.93 2.46
CA TYR A 4 5.66 0.34 1.73
C TYR A 4 4.79 0.32 0.46
N LYS A 5 5.16 -0.51 -0.48
CA LYS A 5 4.38 -0.63 -1.76
C LYS A 5 2.91 -0.88 -1.40
N ASN A 6 2.80 -1.82 -0.48
CA ASN A 6 1.48 -2.28 0.05
C ASN A 6 0.71 -1.20 0.79
N LEU A 7 1.36 -0.11 0.98
CA LEU A 7 0.79 1.06 1.68
C LEU A 7 0.40 1.99 0.51
N LEU A 8 1.36 2.34 -0.31
CA LEU A 8 1.07 3.23 -1.48
C LEU A 8 -0.18 2.72 -2.21
N GLU A 9 -0.22 1.42 -2.29
CA GLU A 9 -1.35 0.72 -2.98
C GLU A 9 -2.47 0.24 -2.06
N ARG A 10 -2.64 0.87 -0.93
CA ARG A 10 -3.75 0.41 -0.01
C ARG A 10 -4.99 1.31 -0.25
N GLN A 11 -4.77 2.57 -0.49
CA GLN A 11 -5.88 3.55 -0.74
C GLN A 11 -7.05 3.03 -1.64
N ARG A 12 -6.71 2.21 -2.60
CA ARG A 12 -7.71 1.64 -3.53
C ARG A 12 -7.75 0.10 -3.31
N TYR A 13 -7.63 -0.29 -2.07
CA TYR A 13 -7.65 -1.75 -1.73
C TYR A 13 -8.82 -2.03 -0.76
N ARG A 2 8.75 -3.63 4.15
CA ARG A 2 7.55 -4.44 4.51
C ARG A 2 6.21 -3.70 4.36
N HIS A 3 6.13 -2.48 4.82
CA HIS A 3 4.84 -1.72 4.71
C HIS A 3 4.99 -0.37 3.97
N TYR A 4 5.36 -0.41 2.72
CA TYR A 4 5.52 0.88 1.95
C TYR A 4 4.66 0.73 0.68
N LYS A 5 5.09 -0.17 -0.15
CA LYS A 5 4.37 -0.45 -1.44
C LYS A 5 2.90 -0.72 -1.07
N ASN A 6 2.81 -1.72 -0.24
CA ASN A 6 1.52 -2.23 0.33
C ASN A 6 0.64 -1.18 0.96
N LEU A 7 1.23 -0.04 1.13
CA LEU A 7 0.55 1.13 1.73
C LEU A 7 0.14 2.07 0.58
N LEU A 8 1.08 2.55 -0.20
CA LEU A 8 0.66 3.46 -1.32
C LEU A 8 -0.35 2.73 -2.22
N GLU A 9 -0.23 1.43 -2.22
CA GLU A 9 -1.16 0.60 -3.05
C GLU A 9 -2.28 -0.01 -2.22
N ARG A 10 -2.61 0.60 -1.10
CA ARG A 10 -3.72 0.05 -0.26
C ARG A 10 -4.96 0.90 -0.56
N GLN A 11 -4.75 2.20 -0.63
CA GLN A 11 -5.82 3.22 -0.91
C GLN A 11 -6.99 2.63 -1.70
N ARG A 12 -6.66 2.38 -2.93
CA ARG A 12 -7.57 1.79 -3.95
C ARG A 12 -8.49 0.67 -3.48
N TYR A 13 -8.05 -0.04 -2.48
CA TYR A 13 -8.84 -1.17 -1.93
C TYR A 13 -9.94 -0.60 -1.02
N ARG A 2 8.76 -4.28 3.33
CA ARG A 2 7.52 -5.11 3.21
C ARG A 2 6.26 -4.24 3.29
N HIS A 3 5.85 -3.84 4.47
CA HIS A 3 4.62 -2.99 4.55
C HIS A 3 5.04 -1.51 4.52
N TYR A 4 5.77 -1.20 3.48
CA TYR A 4 6.27 0.19 3.27
C TYR A 4 5.75 0.70 1.93
N LYS A 5 5.86 -0.13 0.94
CA LYS A 5 5.38 0.25 -0.43
C LYS A 5 3.85 0.11 -0.47
N ASN A 6 3.37 -1.04 -0.03
CA ASN A 6 1.92 -1.44 0.04
C ASN A 6 0.88 -0.46 0.64
N LEU A 7 1.27 0.76 0.80
CA LEU A 7 0.47 1.90 1.35
C LEU A 7 0.05 2.62 0.08
N LEU A 8 1.03 2.91 -0.74
CA LEU A 8 0.76 3.61 -2.02
C LEU A 8 -0.33 2.81 -2.75
N GLU A 9 -0.35 1.53 -2.47
CA GLU A 9 -1.35 0.62 -3.09
C GLU A 9 -2.56 0.40 -2.17
N ARG A 10 -2.89 1.38 -1.36
CA ARG A 10 -4.04 1.24 -0.43
C ARG A 10 -5.33 1.92 -0.88
N GLN A 11 -5.32 2.70 -1.93
CA GLN A 11 -6.61 3.37 -2.38
C GLN A 11 -7.75 2.32 -2.41
N ARG A 12 -7.36 1.13 -2.78
CA ARG A 12 -8.31 -0.04 -2.87
C ARG A 12 -9.19 -0.18 -1.58
N TYR A 13 -8.66 0.37 -0.52
CA TYR A 13 -9.33 0.36 0.82
C TYR A 13 -9.53 1.83 1.24
N ARG A 2 10.29 -3.21 3.03
CA ARG A 2 9.32 -4.14 3.70
C ARG A 2 8.05 -3.33 3.94
N HIS A 3 7.01 -3.99 4.35
CA HIS A 3 5.66 -3.38 4.64
C HIS A 3 5.54 -1.85 4.52
N TYR A 4 5.70 -1.38 3.31
CA TYR A 4 5.60 0.09 3.01
C TYR A 4 4.60 0.21 1.85
N LYS A 5 4.95 -0.42 0.76
CA LYS A 5 4.10 -0.42 -0.49
C LYS A 5 2.60 -0.56 -0.11
N ASN A 6 2.36 -1.36 0.90
CA ASN A 6 0.97 -1.61 1.41
C ASN A 6 0.03 -0.42 1.40
N LEU A 7 0.68 0.65 1.72
CA LEU A 7 0.11 2.05 1.83
C LEU A 7 -0.17 2.52 0.42
N LEU A 8 0.86 2.49 -0.39
CA LEU A 8 0.71 2.92 -1.81
C LEU A 8 -0.40 2.02 -2.37
N GLU A 9 -0.56 0.88 -1.74
CA GLU A 9 -1.60 -0.10 -2.18
C GLU A 9 -2.88 -0.04 -1.31
N ARG A 10 -3.17 1.16 -0.86
CA ARG A 10 -4.39 1.42 -0.01
C ARG A 10 -5.47 2.06 -0.90
N GLN A 11 -5.11 3.16 -1.52
CA GLN A 11 -6.02 3.92 -2.43
C GLN A 11 -7.01 3.03 -3.19
N ARG A 12 -6.50 2.15 -4.00
CA ARG A 12 -7.44 1.26 -4.77
C ARG A 12 -7.61 -0.06 -4.00
N TYR A 13 -7.91 0.09 -2.75
CA TYR A 13 -8.13 -1.10 -1.88
C TYR A 13 -9.26 -0.73 -0.93
N ARG A 2 8.13 -4.35 2.75
CA ARG A 2 7.03 -5.10 3.42
C ARG A 2 5.88 -4.17 3.79
N HIS A 3 6.09 -3.28 4.72
CA HIS A 3 5.00 -2.34 5.11
C HIS A 3 5.35 -0.89 4.75
N TYR A 4 5.95 -0.73 3.60
CA TYR A 4 6.33 0.65 3.15
C TYR A 4 5.68 0.91 1.80
N LYS A 5 5.79 -0.06 0.92
CA LYS A 5 5.19 0.09 -0.44
C LYS A 5 3.66 -0.03 -0.22
N ASN A 6 3.27 -1.04 0.50
CA ASN A 6 1.84 -1.35 0.84
C ASN A 6 0.88 -0.25 1.34
N LEU A 7 1.31 0.96 1.23
CA LEU A 7 0.55 2.19 1.64
C LEU A 7 0.03 2.66 0.28
N LEU A 8 0.92 2.63 -0.69
CA LEU A 8 0.56 3.04 -2.06
C LEU A 8 -0.63 2.16 -2.50
N GLU A 9 -0.73 1.03 -1.85
CA GLU A 9 -1.84 0.07 -2.17
C GLU A 9 -3.00 0.16 -1.16
N ARG A 10 -3.16 1.29 -0.53
CA ARG A 10 -4.26 1.43 0.47
C ARG A 10 -5.49 2.18 -0.09
N GLN A 11 -5.40 2.50 -1.34
CA GLN A 11 -6.50 3.21 -2.07
C GLN A 11 -7.19 2.07 -2.84
N ARG A 12 -6.45 1.56 -3.80
CA ARG A 12 -6.97 0.44 -4.64
C ARG A 12 -6.45 -0.84 -3.98
N TYR A 13 -6.97 -1.02 -2.80
CA TYR A 13 -6.67 -2.18 -1.90
C TYR A 13 -5.74 -3.26 -2.47
N ARG A 2 9.08 -2.82 3.64
CA ARG A 2 8.55 -4.20 3.40
C ARG A 2 7.05 -4.02 3.16
N HIS A 3 6.43 -3.30 4.05
CA HIS A 3 4.95 -3.08 3.89
C HIS A 3 4.69 -1.96 2.90
N TYR A 4 5.48 -0.93 3.04
CA TYR A 4 5.41 0.30 2.17
C TYR A 4 4.64 0.11 0.84
N LYS A 5 5.12 -0.81 0.05
CA LYS A 5 4.51 -1.13 -1.28
C LYS A 5 2.96 -1.30 -1.11
N ASN A 6 2.64 -2.17 -0.19
CA ASN A 6 1.22 -2.51 0.13
C ASN A 6 0.49 -1.37 0.86
N LEU A 7 1.19 -0.31 1.07
CA LEU A 7 0.62 0.88 1.75
C LEU A 7 0.32 1.82 0.56
N LEU A 8 1.32 2.05 -0.24
CA LEU A 8 1.19 2.93 -1.44
C LEU A 8 -0.07 2.45 -2.22
N GLU A 9 -0.20 1.15 -2.26
CA GLU A 9 -1.35 0.52 -2.98
C GLU A 9 -2.55 0.26 -2.03
N ARG A 10 -2.72 1.04 -0.99
CA ARG A 10 -3.89 0.79 -0.07
C ARG A 10 -5.02 1.78 -0.41
N GLN A 11 -4.63 2.94 -0.90
CA GLN A 11 -5.59 4.02 -1.28
C GLN A 11 -6.90 3.54 -2.00
N ARG A 12 -6.81 2.44 -2.71
CA ARG A 12 -7.99 1.87 -3.44
C ARG A 12 -8.24 0.41 -3.02
N TYR A 13 -7.95 0.16 -1.76
CA TYR A 13 -8.12 -1.19 -1.16
C TYR A 13 -9.28 -1.04 -0.17
N ARG A 2 8.48 -4.16 3.29
CA ARG A 2 7.42 -4.83 4.13
C ARG A 2 6.12 -4.02 4.41
N HIS A 3 6.26 -2.83 4.93
CA HIS A 3 5.04 -2.00 5.23
C HIS A 3 5.20 -0.61 4.58
N TYR A 4 5.70 -0.64 3.39
CA TYR A 4 5.92 0.61 2.61
C TYR A 4 5.16 0.46 1.30
N LYS A 5 5.57 -0.50 0.54
CA LYS A 5 4.91 -0.77 -0.78
C LYS A 5 3.39 -0.76 -0.63
N ASN A 6 2.88 -1.65 0.18
CA ASN A 6 1.40 -1.73 0.39
C ASN A 6 0.74 -0.52 1.08
N LEU A 7 1.34 0.64 0.98
CA LEU A 7 0.74 1.84 1.61
C LEU A 7 0.11 2.46 0.35
N LEU A 8 0.91 2.79 -0.63
CA LEU A 8 0.35 3.40 -1.88
C LEU A 8 -0.79 2.48 -2.41
N GLU A 9 -0.68 1.20 -2.15
CA GLU A 9 -1.74 0.24 -2.62
C GLU A 9 -2.76 -0.11 -1.54
N ARG A 10 -2.93 0.72 -0.56
CA ARG A 10 -3.93 0.40 0.52
C ARG A 10 -5.23 1.19 0.29
N GLN A 11 -5.15 2.12 -0.62
CA GLN A 11 -6.30 3.00 -1.00
C GLN A 11 -6.92 2.47 -2.32
N ARG A 12 -6.09 2.23 -3.30
CA ARG A 12 -6.58 1.72 -4.61
C ARG A 12 -6.12 0.25 -4.72
N TYR A 13 -6.26 -0.39 -3.60
CA TYR A 13 -5.92 -1.83 -3.34
C TYR A 13 -5.12 -2.57 -4.45
N ARG A 2 9.53 -4.23 4.40
CA ARG A 2 8.44 -5.28 4.46
C ARG A 2 7.06 -4.92 3.85
N HIS A 3 6.44 -3.85 4.31
CA HIS A 3 5.10 -3.42 3.79
C HIS A 3 5.07 -1.90 3.60
N TYR A 4 5.88 -1.45 2.68
CA TYR A 4 5.96 0.01 2.39
C TYR A 4 5.26 0.29 1.05
N LYS A 5 5.78 -0.27 0.00
CA LYS A 5 5.16 -0.06 -1.35
C LYS A 5 3.65 -0.33 -1.23
N ASN A 6 3.31 -1.39 -0.53
CA ASN A 6 1.85 -1.72 -0.38
C ASN A 6 0.94 -0.69 0.32
N LEU A 7 1.43 0.50 0.47
CA LEU A 7 0.66 1.61 1.12
C LEU A 7 0.15 2.34 -0.11
N LEU A 8 1.00 2.38 -1.10
CA LEU A 8 0.63 3.05 -2.37
C LEU A 8 -0.56 2.18 -2.87
N GLU A 9 -0.60 0.96 -2.40
CA GLU A 9 -1.71 0.03 -2.82
C GLU A 9 -2.79 -0.06 -1.72
N ARG A 10 -2.96 0.99 -0.97
CA ARG A 10 -4.00 0.97 0.12
C ARG A 10 -5.30 1.70 -0.25
N GLN A 11 -5.20 2.99 -0.53
CA GLN A 11 -6.37 3.84 -0.90
C GLN A 11 -7.61 3.10 -1.40
N ARG A 12 -7.38 2.31 -2.41
CA ARG A 12 -8.52 1.53 -2.98
C ARG A 12 -8.06 0.18 -3.55
N TYR A 13 -7.22 -0.48 -2.82
CA TYR A 13 -6.71 -1.81 -3.27
C TYR A 13 -6.73 -2.77 -2.08
N ARG A 2 9.45 -3.12 2.83
CA ARG A 2 8.64 -4.35 2.62
C ARG A 2 7.20 -4.03 2.95
N HIS A 3 7.00 -3.49 4.11
CA HIS A 3 5.61 -3.14 4.53
C HIS A 3 5.33 -1.67 4.18
N TYR A 4 5.80 -1.29 3.02
CA TYR A 4 5.62 0.10 2.51
C TYR A 4 4.62 0.02 1.33
N LYS A 5 4.96 -0.85 0.42
CA LYS A 5 4.15 -1.12 -0.81
C LYS A 5 2.64 -1.12 -0.43
N ASN A 6 2.39 -2.01 0.49
CA ASN A 6 1.05 -2.29 1.10
C ASN A 6 0.27 -1.08 1.55
N LEU A 7 0.95 0.01 1.64
CA LEU A 7 0.37 1.32 2.06
C LEU A 7 0.19 2.09 0.73
N LEU A 8 1.26 2.25 0.01
CA LEU A 8 1.21 2.97 -1.29
C LEU A 8 0.07 2.49 -2.21
N GLU A 9 -0.28 1.24 -2.03
CA GLU A 9 -1.36 0.63 -2.86
C GLU A 9 -2.73 0.55 -2.16
N ARG A 10 -2.83 1.17 -1.02
CA ARG A 10 -4.11 1.18 -0.22
C ARG A 10 -5.25 1.88 -0.98
N GLN A 11 -5.02 3.11 -1.33
CA GLN A 11 -5.98 4.00 -2.09
C GLN A 11 -7.12 3.29 -2.88
N ARG A 12 -6.81 2.14 -3.43
CA ARG A 12 -7.79 1.34 -4.22
C ARG A 12 -8.38 0.16 -3.41
N TYR A 13 -7.49 -0.50 -2.74
CA TYR A 13 -7.84 -1.69 -1.90
C TYR A 13 -7.38 -1.34 -0.48
N ARG A 2 8.42 -3.44 3.33
CA ARG A 2 7.47 -4.46 3.88
C ARG A 2 6.12 -3.83 4.18
N HIS A 3 6.13 -2.65 4.74
CA HIS A 3 4.82 -1.98 5.06
C HIS A 3 4.82 -0.62 4.35
N TYR A 4 5.34 -0.59 3.15
CA TYR A 4 5.37 0.70 2.39
C TYR A 4 4.56 0.48 1.11
N LYS A 5 5.02 -0.44 0.30
CA LYS A 5 4.32 -0.76 -0.97
C LYS A 5 2.81 -0.93 -0.71
N ASN A 6 2.58 -1.78 0.25
CA ASN A 6 1.20 -2.11 0.69
C ASN A 6 0.41 -0.99 1.29
N LEU A 7 1.01 0.16 1.36
CA LEU A 7 0.36 1.37 1.91
C LEU A 7 -0.03 2.16 0.65
N LEU A 8 0.97 2.48 -0.13
CA LEU A 8 0.74 3.25 -1.40
C LEU A 8 -0.30 2.52 -2.28
N GLU A 9 -0.20 1.22 -2.24
CA GLU A 9 -1.13 0.36 -3.04
C GLU A 9 -2.26 -0.18 -2.16
N ARG A 10 -2.48 0.52 -1.07
CA ARG A 10 -3.56 0.11 -0.12
C ARG A 10 -4.70 1.03 -0.51
N GLN A 11 -4.30 2.27 -0.69
CA GLN A 11 -5.21 3.40 -1.08
C GLN A 11 -6.48 2.82 -1.69
N ARG A 12 -6.27 2.12 -2.78
CA ARG A 12 -7.36 1.44 -3.54
C ARG A 12 -6.71 0.92 -4.86
N TYR A 13 -5.55 0.32 -4.74
CA TYR A 13 -4.91 -0.19 -5.98
C TYR A 13 -4.16 -1.49 -5.70
N ARG A 2 8.90 -3.50 3.00
CA ARG A 2 8.00 -4.25 3.93
C ARG A 2 6.63 -3.64 4.26
N HIS A 3 6.62 -2.43 4.74
CA HIS A 3 5.31 -1.78 5.08
C HIS A 3 5.21 -0.43 4.36
N TYR A 4 5.48 -0.44 3.09
CA TYR A 4 5.39 0.82 2.28
C TYR A 4 4.45 0.50 1.11
N LYS A 5 4.86 -0.50 0.36
CA LYS A 5 4.09 -0.98 -0.83
C LYS A 5 2.60 -1.13 -0.44
N ASN A 6 2.47 -1.91 0.60
CA ASN A 6 1.17 -2.26 1.22
C ASN A 6 0.36 -1.10 1.69
N LEU A 7 0.96 0.04 1.66
CA LEU A 7 0.31 1.30 2.07
C LEU A 7 -0.08 2.00 0.76
N LEU A 8 0.93 2.31 -0.02
CA LEU A 8 0.70 2.99 -1.33
C LEU A 8 -0.35 2.29 -2.18
N GLU A 9 -0.36 1.00 -2.06
CA GLU A 9 -1.33 0.17 -2.83
C GLU A 9 -2.55 -0.27 -2.01
N ARG A 10 -2.80 0.38 -0.89
CA ARG A 10 -3.97 0.01 -0.03
C ARG A 10 -5.17 0.94 -0.24
N GLN A 11 -4.91 2.14 -0.67
CA GLN A 11 -6.02 3.12 -0.90
C GLN A 11 -6.46 3.03 -2.36
N ARG A 12 -5.52 2.65 -3.19
CA ARG A 12 -5.77 2.50 -4.63
C ARG A 12 -5.61 1.01 -4.99
N TYR A 13 -6.37 0.16 -4.34
CA TYR A 13 -6.35 -1.33 -4.57
C TYR A 13 -5.24 -1.87 -5.50
N ARG A 2 9.87 -3.82 3.28
CA ARG A 2 8.72 -4.78 3.29
C ARG A 2 7.34 -4.11 3.49
N HIS A 3 7.23 -3.27 4.49
CA HIS A 3 5.92 -2.59 4.77
C HIS A 3 5.94 -1.10 4.41
N TYR A 4 5.79 -0.86 3.14
CA TYR A 4 5.76 0.53 2.57
C TYR A 4 4.77 0.46 1.40
N LYS A 5 5.16 -0.32 0.43
CA LYS A 5 4.35 -0.54 -0.81
C LYS A 5 2.86 -0.73 -0.43
N ASN A 6 2.66 -1.66 0.46
CA ASN A 6 1.30 -2.02 0.97
C ASN A 6 0.37 -0.89 1.42
N LEU A 7 0.88 0.30 1.37
CA LEU A 7 0.15 1.57 1.76
C LEU A 7 -0.26 2.21 0.44
N LEU A 8 0.73 2.40 -0.39
CA LEU A 8 0.47 3.01 -1.72
C LEU A 8 -0.62 2.15 -2.35
N GLU A 9 -0.59 0.89 -2.00
CA GLU A 9 -1.63 -0.03 -2.58
C GLU A 9 -2.91 -0.15 -1.72
N ARG A 10 -3.24 0.92 -1.06
CA ARG A 10 -4.47 0.97 -0.19
C ARG A 10 -5.63 1.73 -0.87
N GLN A 11 -5.45 3.02 -1.07
CA GLN A 11 -6.45 3.95 -1.70
C GLN A 11 -7.53 3.21 -2.50
N ARG A 12 -7.06 2.55 -3.52
CA ARG A 12 -7.95 1.75 -4.41
C ARG A 12 -7.12 0.53 -4.84
N TYR A 13 -6.55 -0.13 -3.87
CA TYR A 13 -5.69 -1.37 -4.10
C TYR A 13 -4.38 -1.10 -4.86
N ARG A 2 8.80 -2.98 2.52
CA ARG A 2 8.45 -4.11 3.42
C ARG A 2 6.99 -3.90 3.81
N HIS A 3 6.73 -2.96 4.69
CA HIS A 3 5.32 -2.69 5.11
C HIS A 3 4.92 -1.30 4.64
N TYR A 4 5.55 -0.87 3.58
CA TYR A 4 5.26 0.48 2.99
C TYR A 4 4.54 0.28 1.65
N LYS A 5 4.96 -0.74 0.94
CA LYS A 5 4.34 -1.07 -0.37
C LYS A 5 2.82 -1.15 -0.19
N ASN A 6 2.43 -1.77 0.90
CA ASN A 6 0.98 -1.94 1.22
C ASN A 6 0.28 -0.67 1.63
N LEU A 7 1.02 0.37 1.70
CA LEU A 7 0.48 1.69 2.09
C LEU A 7 0.33 2.41 0.76
N LEU A 8 1.35 2.41 -0.06
CA LEU A 8 1.19 3.12 -1.38
C LEU A 8 0.11 2.39 -2.21
N GLU A 9 0.07 1.10 -2.02
CA GLU A 9 -0.92 0.28 -2.77
C GLU A 9 -2.15 -0.10 -1.93
N ARG A 10 -2.57 0.82 -1.08
CA ARG A 10 -3.78 0.54 -0.23
C ARG A 10 -4.97 1.27 -0.83
N GLN A 11 -4.73 2.53 -1.08
CA GLN A 11 -5.70 3.52 -1.66
C GLN A 11 -6.89 2.91 -2.41
N ARG A 12 -6.56 2.28 -3.49
CA ARG A 12 -7.55 1.61 -4.37
C ARG A 12 -7.08 0.18 -4.60
N TYR A 13 -6.65 -0.37 -3.50
CA TYR A 13 -6.12 -1.76 -3.41
C TYR A 13 -4.70 -1.73 -4.00
N ARG A 2 7.48 -3.99 2.69
CA ARG A 2 6.50 -4.78 3.51
C ARG A 2 5.52 -3.79 4.12
N HIS A 3 6.05 -2.83 4.83
CA HIS A 3 5.20 -1.78 5.49
C HIS A 3 5.52 -0.40 4.88
N TYR A 4 5.66 -0.38 3.59
CA TYR A 4 5.97 0.92 2.89
C TYR A 4 5.16 0.86 1.58
N LYS A 5 5.67 0.08 0.67
CA LYS A 5 5.01 -0.08 -0.66
C LYS A 5 3.51 -0.37 -0.50
N ASN A 6 3.21 -1.34 0.32
CA ASN A 6 1.77 -1.73 0.56
C ASN A 6 0.81 -0.65 1.11
N LEU A 7 1.26 0.57 1.13
CA LEU A 7 0.45 1.75 1.63
C LEU A 7 -0.01 2.35 0.33
N LEU A 8 0.94 2.47 -0.55
CA LEU A 8 0.64 3.04 -1.90
C LEU A 8 -0.44 2.11 -2.47
N GLU A 9 -0.44 0.89 -1.98
CA GLU A 9 -1.45 -0.11 -2.47
C GLU A 9 -2.64 -0.30 -1.51
N ARG A 10 -2.96 0.72 -0.75
CA ARG A 10 -4.11 0.62 0.21
C ARG A 10 -5.35 1.28 -0.39
N GLN A 11 -5.33 2.58 -0.54
CA GLN A 11 -6.51 3.28 -1.13
C GLN A 11 -6.99 2.59 -2.41
N ARG A 12 -6.03 2.03 -3.11
CA ARG A 12 -6.31 1.31 -4.38
C ARG A 12 -5.85 -0.16 -4.37
N TYR A 13 -6.55 -0.92 -3.58
CA TYR A 13 -6.32 -2.41 -3.40
C TYR A 13 -5.14 -2.99 -4.21
N ARG A 2 9.00 -3.23 4.59
CA ARG A 2 7.94 -4.12 5.15
C ARG A 2 6.57 -3.78 4.55
N HIS A 3 6.09 -2.58 4.81
CA HIS A 3 4.76 -2.15 4.27
C HIS A 3 4.84 -0.82 3.50
N TYR A 4 5.36 -0.86 2.31
CA TYR A 4 5.47 0.41 1.51
C TYR A 4 4.54 0.33 0.28
N LYS A 5 4.86 -0.59 -0.59
CA LYS A 5 4.04 -0.76 -1.83
C LYS A 5 2.56 -0.96 -1.43
N ASN A 6 2.40 -1.88 -0.51
CA ASN A 6 1.04 -2.23 0.01
C ASN A 6 0.40 -1.14 0.85
N LEU A 7 1.10 -0.06 0.95
CA LEU A 7 0.62 1.12 1.72
C LEU A 7 0.15 2.05 0.58
N LEU A 8 1.12 2.42 -0.21
CA LEU A 8 0.87 3.33 -1.37
C LEU A 8 -0.33 2.80 -2.18
N GLU A 9 -0.31 1.52 -2.36
CA GLU A 9 -1.39 0.81 -3.12
C GLU A 9 -2.39 0.17 -2.18
N ARG A 10 -2.61 0.84 -1.07
CA ARG A 10 -3.59 0.30 -0.07
C ARG A 10 -4.84 1.12 -0.34
N GLN A 11 -4.63 2.42 -0.41
CA GLN A 11 -5.69 3.45 -0.66
C GLN A 11 -6.92 2.83 -1.32
N ARG A 12 -6.69 2.37 -2.51
CA ARG A 12 -7.75 1.73 -3.31
C ARG A 12 -7.09 0.53 -4.02
N TYR A 13 -6.31 -0.19 -3.26
CA TYR A 13 -5.58 -1.38 -3.79
C TYR A 13 -4.54 -0.95 -4.85
#